data_6ONI
#
_entry.id   6ONI
#
_cell.length_a   61.876
_cell.length_b   61.876
_cell.length_c   164.379
_cell.angle_alpha   90.000
_cell.angle_beta   90.000
_cell.angle_gamma   90.000
#
_symmetry.space_group_name_H-M   'P 41 21 2'
#
loop_
_entity.id
_entity.type
_entity.pdbx_description
1 polymer 'Peroxisome proliferator-activated receptor gamma'
2 polymer 'NCOR isoform c'
3 non-polymer 2-chloro-5-nitro-N-(pyridin-4-yl)benzamide
4 water water
#
loop_
_entity_poly.entity_id
_entity_poly.type
_entity_poly.pdbx_seq_one_letter_code
_entity_poly.pdbx_strand_id
1 'polypeptide(L)'
;QLNPESADLRALAKHLYDSYIKSFPLTKAKARAILTGKTTDKSPFVIYDMNSLMMGEDKIKFKHITPLQEQSKEVAIRIF
QGCQFRSVEAVQEITEYAKSIPGFVNLDLNDQVTLLKYGVHEIIYTMLASLMNKDGVLISEGQGFMTREFLKSLRKPFGD
FMEPKFEFAVKFNALELDDSDLAIFIAVIILSGDRPGLLNVKPIEDIQDNLLQALELQLKLNHPESSQLFAKLLQKMTDL
RQIVTEHVQLLQVIKKTETDMSLHPLLQEIYKDLY
;
B
2 'polypeptide(L)' DPASNLGLEDIIRKALMGSFDDK D
#
# COMPACT_ATOMS: atom_id res chain seq x y z
N GLN A 1 30.13 -6.53 16.56
CA GLN A 1 28.89 -5.98 16.00
C GLN A 1 29.00 -5.68 14.49
N LEU A 2 30.05 -4.95 14.05
CA LEU A 2 30.32 -4.83 12.61
C LEU A 2 31.17 -6.03 12.19
N ASN A 3 30.53 -7.02 11.59
CA ASN A 3 31.28 -8.21 11.19
C ASN A 3 30.78 -8.67 9.82
N PRO A 4 31.33 -9.74 9.24
CA PRO A 4 30.84 -10.16 7.92
C PRO A 4 29.34 -10.35 7.87
N GLU A 5 28.72 -10.84 8.94
CA GLU A 5 27.29 -11.15 8.85
C GLU A 5 26.44 -9.88 8.87
N SER A 6 26.83 -8.88 9.67
CA SER A 6 26.08 -7.63 9.67
C SER A 6 26.31 -6.85 8.39
N ALA A 7 27.54 -6.89 7.86
CA ALA A 7 27.79 -6.27 6.57
C ALA A 7 26.91 -6.87 5.48
N ASP A 8 26.70 -8.19 5.53
CA ASP A 8 25.83 -8.82 4.54
C ASP A 8 24.41 -8.29 4.66
N LEU A 9 23.94 -8.07 5.89
CA LEU A 9 22.58 -7.54 6.08
C LEU A 9 22.48 -6.09 5.62
N ARG A 10 23.54 -5.30 5.84
CA ARG A 10 23.56 -3.95 5.30
C ARG A 10 23.55 -3.97 3.77
N ALA A 11 24.28 -4.91 3.18
CA ALA A 11 24.32 -5.03 1.73
C ALA A 11 22.96 -5.38 1.17
N LEU A 12 22.26 -6.32 1.83
CA LEU A 12 20.90 -6.69 1.42
C LEU A 12 19.95 -5.50 1.53
N ALA A 13 20.07 -4.72 2.61
CA ALA A 13 19.23 -3.52 2.76
C ALA A 13 19.47 -2.56 1.59
N LYS A 14 20.72 -2.35 1.20
CA LYS A 14 21.02 -1.45 0.10
C LYS A 14 20.53 -2.01 -1.23
N HIS A 15 20.73 -3.31 -1.46
CA HIS A 15 20.21 -3.93 -2.68
C HIS A 15 18.70 -3.74 -2.78
N LEU A 16 17.98 -3.94 -1.68
CA LEU A 16 16.53 -3.74 -1.71
C LEU A 16 16.17 -2.28 -1.93
N TYR A 17 16.85 -1.36 -1.22
CA TYR A 17 16.57 0.07 -1.42
C TYR A 17 16.78 0.47 -2.87
N ASP A 18 17.90 0.05 -3.47
CA ASP A 18 18.19 0.41 -4.87
C ASP A 18 17.10 -0.12 -5.79
N SER A 19 16.70 -1.39 -5.60
CA SER A 19 15.62 -1.95 -6.42
C SER A 19 14.30 -1.24 -6.18
N TYR A 20 14.02 -0.88 -4.91
CA TYR A 20 12.82 -0.15 -4.55
C TYR A 20 12.73 1.18 -5.30
N ILE A 21 13.85 1.91 -5.39
CA ILE A 21 13.89 3.18 -6.09
C ILE A 21 13.67 2.97 -7.58
N LYS A 22 14.22 1.88 -8.13
CA LYS A 22 14.04 1.60 -9.56
C LYS A 22 12.60 1.21 -9.86
N SER A 23 11.96 0.47 -8.95
CA SER A 23 10.62 -0.08 -9.21
C SER A 23 9.50 0.94 -8.97
N PHE A 24 9.65 1.83 -7.99
CA PHE A 24 8.54 2.65 -7.49
C PHE A 24 8.85 4.12 -7.67
N PRO A 25 8.36 4.74 -8.75
CA PRO A 25 8.63 6.18 -8.94
C PRO A 25 7.97 7.05 -7.89
N LEU A 26 6.86 6.60 -7.31
CA LEU A 26 6.10 7.34 -6.30
C LEU A 26 6.64 6.95 -4.93
N THR A 27 7.66 7.66 -4.48
CA THR A 27 8.29 7.39 -3.19
C THR A 27 7.57 8.09 -2.05
N LYS A 28 7.89 7.66 -0.83
CA LYS A 28 7.32 8.37 0.32
C LYS A 28 7.83 9.80 0.39
N ALA A 29 9.13 10.01 0.19
CA ALA A 29 9.68 11.36 0.30
C ALA A 29 8.97 12.31 -0.66
N LYS A 30 8.69 11.84 -1.88
CA LYS A 30 7.97 12.67 -2.84
C LYS A 30 6.57 13.01 -2.36
N ALA A 31 5.85 12.02 -1.80
CA ALA A 31 4.48 12.27 -1.34
C ALA A 31 4.46 13.27 -0.21
N ARG A 32 5.37 13.12 0.75
CA ARG A 32 5.38 14.02 1.90
C ARG A 32 5.74 15.44 1.48
N ALA A 33 6.65 15.60 0.52
CA ALA A 33 6.98 16.93 0.02
C ALA A 33 5.73 17.66 -0.45
N ILE A 34 4.84 16.94 -1.14
CA ILE A 34 3.61 17.58 -1.64
C ILE A 34 2.66 17.87 -0.50
N LEU A 35 2.57 16.96 0.47
CA LEU A 35 1.59 17.07 1.54
C LEU A 35 1.91 18.23 2.46
N THR A 36 3.17 18.40 2.80
CA THR A 36 3.60 19.53 3.62
C THR A 36 3.81 20.78 2.79
N GLY A 37 3.28 20.81 1.58
CA GLY A 37 3.29 22.02 0.77
C GLY A 37 4.68 22.47 0.39
N LYS A 38 5.62 21.54 0.20
CA LYS A 38 6.97 21.94 -0.13
C LYS A 38 7.18 22.10 -1.65
N THR A 39 6.40 21.41 -2.47
CA THR A 39 6.57 21.44 -3.92
C THR A 39 5.72 22.57 -4.50
N THR A 40 6.38 23.57 -5.07
CA THR A 40 5.71 24.69 -5.72
C THR A 40 5.39 24.46 -7.18
N ASP A 41 5.87 23.35 -7.76
CA ASP A 41 5.38 22.90 -9.06
C ASP A 41 3.91 22.53 -8.98
N LYS A 42 3.03 23.41 -9.48
CA LYS A 42 1.59 23.18 -9.60
C LYS A 42 1.03 22.42 -8.38
N SER A 43 0.96 23.13 -7.24
CA SER A 43 0.44 22.67 -5.96
C SER A 43 -0.96 22.10 -6.06
N PRO A 44 -1.30 21.11 -5.23
CA PRO A 44 -2.60 20.42 -5.39
C PRO A 44 -3.78 21.29 -4.93
N PHE A 45 -4.90 21.11 -5.60
CA PHE A 45 -6.14 21.79 -5.27
C PHE A 45 -6.88 20.97 -4.21
N VAL A 46 -7.45 21.68 -3.23
CA VAL A 46 -8.11 21.05 -2.10
C VAL A 46 -9.60 20.90 -2.40
N ILE A 47 -10.10 19.68 -2.30
CA ILE A 47 -11.51 19.39 -2.47
C ILE A 47 -12.06 19.04 -1.09
N TYR A 48 -12.84 19.95 -0.49
CA TYR A 48 -13.29 19.78 0.87
C TYR A 48 -14.80 19.77 1.00
N ASP A 49 -15.53 20.02 -0.07
CA ASP A 49 -16.99 19.97 -0.03
C ASP A 49 -17.50 19.90 -1.46
N MET A 50 -18.83 19.81 -1.60
CA MET A 50 -19.42 19.68 -2.93
C MET A 50 -19.11 20.90 -3.79
N ASN A 51 -19.11 22.10 -3.20
CA ASN A 51 -18.83 23.27 -4.01
C ASN A 51 -17.41 23.25 -4.55
N SER A 52 -16.43 22.89 -3.70
CA SER A 52 -15.04 22.83 -4.17
C SER A 52 -14.84 21.66 -5.12
N LEU A 53 -15.58 20.58 -4.93
CA LEU A 53 -15.56 19.47 -5.87
C LEU A 53 -15.85 19.94 -7.28
N MET A 54 -16.91 20.71 -7.45
CA MET A 54 -17.28 21.23 -8.76
C MET A 54 -16.25 22.22 -9.31
N MET A 55 -15.65 23.04 -8.44
CA MET A 55 -14.58 23.90 -8.92
C MET A 55 -13.32 23.12 -9.24
N GLY A 56 -13.20 21.89 -8.71
CA GLY A 56 -12.03 21.05 -8.96
C GLY A 56 -12.06 20.25 -10.24
N GLU A 57 -13.23 20.10 -10.88
CA GLU A 57 -13.30 19.44 -12.17
C GLU A 57 -12.28 20.05 -13.13
N ASP A 58 -11.18 19.33 -13.32
CA ASP A 58 -10.00 19.89 -13.98
C ASP A 58 -10.22 19.98 -15.49
N LYS A 73 -24.16 -3.41 -12.75
CA LYS A 73 -23.23 -2.28 -12.71
C LYS A 73 -23.63 -1.26 -11.66
N GLU A 74 -23.52 -1.65 -10.40
CA GLU A 74 -23.73 -0.72 -9.30
C GLU A 74 -22.54 0.23 -9.17
N VAL A 75 -22.79 1.38 -8.57
CA VAL A 75 -21.77 2.43 -8.45
C VAL A 75 -20.54 1.90 -7.73
N ALA A 76 -20.74 1.28 -6.56
CA ALA A 76 -19.61 0.84 -5.76
C ALA A 76 -18.81 -0.24 -6.47
N ILE A 77 -19.49 -1.19 -7.11
CA ILE A 77 -18.79 -2.22 -7.88
C ILE A 77 -17.99 -1.59 -9.01
N ARG A 78 -18.53 -0.56 -9.64
CA ARG A 78 -17.77 0.12 -10.70
C ARG A 78 -16.57 0.86 -10.12
N ILE A 79 -16.71 1.43 -8.92
CA ILE A 79 -15.57 2.07 -8.29
C ILE A 79 -14.45 1.05 -8.08
N PHE A 80 -14.81 -0.14 -7.59
CA PHE A 80 -13.80 -1.17 -7.31
C PHE A 80 -13.20 -1.73 -8.60
N GLN A 81 -14.01 -1.92 -9.64
CA GLN A 81 -13.44 -2.30 -10.94
C GLN A 81 -12.44 -1.27 -11.40
N GLY A 82 -12.77 0.02 -11.24
CA GLY A 82 -11.89 1.07 -11.73
C GLY A 82 -10.61 1.23 -10.92
N CYS A 83 -10.70 1.12 -9.58
CA CYS A 83 -9.46 1.23 -8.80
C CYS A 83 -8.57 0.01 -8.97
N GLN A 84 -9.16 -1.15 -9.24
N GLN A 84 -9.16 -1.16 -9.21
CA GLN A 84 -8.34 -2.33 -9.49
CA GLN A 84 -8.35 -2.34 -9.51
C GLN A 84 -7.66 -2.25 -10.85
C GLN A 84 -7.61 -2.14 -10.82
N PHE A 85 -8.31 -1.61 -11.84
CA PHE A 85 -7.69 -1.40 -13.13
C PHE A 85 -6.57 -0.36 -13.05
N ARG A 86 -6.82 0.74 -12.34
CA ARG A 86 -5.78 1.75 -12.15
C ARG A 86 -4.61 1.23 -11.32
N SER A 87 -4.79 0.12 -10.60
CA SER A 87 -3.75 -0.47 -9.77
C SER A 87 -2.88 -1.49 -10.50
N VAL A 88 -3.18 -1.77 -11.77
CA VAL A 88 -2.40 -2.76 -12.50
C VAL A 88 -0.93 -2.37 -12.54
N GLU A 89 -0.64 -1.09 -12.76
CA GLU A 89 0.76 -0.65 -12.84
C GLU A 89 1.46 -0.85 -11.50
N ALA A 90 0.78 -0.53 -10.40
CA ALA A 90 1.36 -0.80 -9.09
C ALA A 90 1.64 -2.29 -8.88
N VAL A 91 0.70 -3.15 -9.26
CA VAL A 91 0.92 -4.60 -9.15
C VAL A 91 2.14 -5.03 -9.97
N GLN A 92 2.28 -4.45 -11.16
CA GLN A 92 3.45 -4.76 -11.98
C GLN A 92 4.74 -4.28 -11.31
N GLU A 93 4.71 -3.09 -10.72
CA GLU A 93 5.89 -2.57 -10.03
C GLU A 93 6.24 -3.44 -8.83
N ILE A 94 5.24 -3.88 -8.08
CA ILE A 94 5.46 -4.74 -6.93
C ILE A 94 6.06 -6.08 -7.37
N THR A 95 5.51 -6.66 -8.44
CA THR A 95 6.04 -7.93 -8.95
C THR A 95 7.49 -7.79 -9.41
N GLU A 96 7.80 -6.71 -10.13
CA GLU A 96 9.18 -6.43 -10.51
C GLU A 96 10.08 -6.32 -9.28
N TYR A 97 9.60 -5.63 -8.24
CA TYR A 97 10.36 -5.54 -7.00
C TYR A 97 10.59 -6.93 -6.40
N ALA A 98 9.56 -7.79 -6.39
CA ALA A 98 9.71 -9.10 -5.78
C ALA A 98 10.76 -9.93 -6.52
N LYS A 99 10.88 -9.75 -7.83
CA LYS A 99 11.95 -10.40 -8.59
C LYS A 99 13.34 -10.06 -8.06
N SER A 100 13.52 -8.89 -7.48
CA SER A 100 14.82 -8.48 -6.98
C SER A 100 15.13 -9.01 -5.57
N ILE A 101 14.16 -9.58 -4.89
CA ILE A 101 14.39 -10.16 -3.56
C ILE A 101 15.14 -11.48 -3.71
N PRO A 102 16.37 -11.59 -3.19
CA PRO A 102 17.18 -12.78 -3.42
C PRO A 102 16.46 -14.05 -2.98
N GLY A 103 16.41 -15.02 -3.88
CA GLY A 103 15.74 -16.25 -3.62
C GLY A 103 14.30 -16.32 -4.08
N PHE A 104 13.65 -15.17 -4.33
CA PHE A 104 12.22 -15.20 -4.64
C PHE A 104 11.93 -15.95 -5.94
N VAL A 105 12.66 -15.64 -7.02
CA VAL A 105 12.37 -16.27 -8.31
C VAL A 105 12.73 -17.75 -8.33
N ASN A 106 13.48 -18.25 -7.35
CA ASN A 106 13.74 -19.68 -7.26
C ASN A 106 12.63 -20.47 -6.60
N LEU A 107 11.67 -19.81 -5.96
CA LEU A 107 10.55 -20.53 -5.38
C LEU A 107 9.67 -21.10 -6.49
N ASP A 108 8.85 -22.08 -6.12
CA ASP A 108 7.84 -22.61 -7.04
C ASP A 108 6.99 -21.47 -7.57
N LEU A 109 6.75 -21.49 -8.89
CA LEU A 109 6.04 -20.40 -9.54
C LEU A 109 4.67 -20.15 -8.91
N ASN A 110 3.95 -21.22 -8.54
CA ASN A 110 2.63 -21.04 -7.93
C ASN A 110 2.74 -20.34 -6.58
N ASP A 111 3.80 -20.61 -5.82
CA ASP A 111 3.97 -19.92 -4.56
C ASP A 111 4.36 -18.46 -4.76
N GLN A 112 5.09 -18.14 -5.83
CA GLN A 112 5.36 -16.74 -6.19
C GLN A 112 4.06 -16.00 -6.47
N VAL A 113 3.15 -16.62 -7.24
CA VAL A 113 1.87 -15.99 -7.56
C VAL A 113 1.03 -15.83 -6.30
N THR A 114 0.95 -16.87 -5.48
CA THR A 114 0.21 -16.79 -4.22
C THR A 114 0.75 -15.68 -3.33
N LEU A 115 2.08 -15.60 -3.18
CA LEU A 115 2.66 -14.54 -2.35
C LEU A 115 2.25 -13.16 -2.85
N LEU A 116 2.36 -12.93 -4.15
CA LEU A 116 2.00 -11.61 -4.70
C LEU A 116 0.50 -11.36 -4.65
N LYS A 117 -0.33 -12.38 -4.89
CA LYS A 117 -1.77 -12.10 -4.94
C LYS A 117 -2.30 -11.65 -3.58
N TYR A 118 -1.71 -12.11 -2.49
CA TYR A 118 -2.14 -11.54 -1.21
C TYR A 118 -1.33 -10.30 -0.84
N GLY A 119 -0.03 -10.31 -1.14
CA GLY A 119 0.82 -9.20 -0.75
C GLY A 119 0.53 -7.88 -1.43
N VAL A 120 0.11 -7.90 -2.71
CA VAL A 120 -0.02 -6.61 -3.41
C VAL A 120 -1.00 -5.68 -2.70
N HIS A 121 -2.12 -6.21 -2.20
CA HIS A 121 -3.12 -5.33 -1.57
C HIS A 121 -2.55 -4.64 -0.34
N GLU A 122 -1.78 -5.38 0.48
CA GLU A 122 -1.20 -4.80 1.69
C GLU A 122 -0.15 -3.76 1.35
N ILE A 123 0.61 -3.98 0.27
CA ILE A 123 1.63 -3.03 -0.14
C ILE A 123 0.98 -1.77 -0.71
N ILE A 124 -0.09 -1.94 -1.48
CA ILE A 124 -0.81 -0.77 -1.98
C ILE A 124 -1.31 0.10 -0.84
N TYR A 125 -1.81 -0.53 0.25
CA TYR A 125 -2.27 0.27 1.39
C TYR A 125 -1.10 0.93 2.11
N THR A 126 0.05 0.25 2.20
CA THR A 126 1.23 0.87 2.78
C THR A 126 1.65 2.11 2.01
N MET A 127 1.62 2.02 0.69
CA MET A 127 2.01 3.15 -0.13
C MET A 127 0.92 4.21 -0.16
N LEU A 128 -0.34 3.82 -0.01
CA LEU A 128 -1.41 4.79 0.11
C LEU A 128 -1.24 5.66 1.36
N ALA A 129 -0.75 5.07 2.45
CA ALA A 129 -0.49 5.84 3.67
C ALA A 129 0.45 7.01 3.41
N SER A 130 1.46 6.83 2.53
CA SER A 130 2.35 7.94 2.19
C SER A 130 1.61 9.13 1.63
N LEU A 131 0.49 8.88 0.93
CA LEU A 131 -0.35 9.91 0.33
C LEU A 131 -1.32 10.54 1.31
N MET A 132 -1.34 10.10 2.57
CA MET A 132 -2.35 10.48 3.54
C MET A 132 -1.76 11.28 4.68
N ASN A 133 -2.52 12.27 5.14
CA ASN A 133 -2.25 12.77 6.48
C ASN A 133 -3.58 12.87 7.23
N LYS A 134 -3.56 13.45 8.44
CA LYS A 134 -4.79 13.47 9.22
C LYS A 134 -5.91 14.26 8.55
N ASP A 135 -5.57 15.15 7.59
CA ASP A 135 -6.56 16.02 6.94
C ASP A 135 -7.16 15.42 5.67
N GLY A 136 -6.47 14.50 5.00
CA GLY A 136 -6.96 13.99 3.72
C GLY A 136 -5.89 13.24 2.93
N VAL A 137 -6.14 13.07 1.63
CA VAL A 137 -5.33 12.19 0.78
C VAL A 137 -5.07 12.81 -0.59
N LEU A 138 -3.86 12.62 -1.11
CA LEU A 138 -3.51 13.05 -2.46
C LEU A 138 -4.25 12.22 -3.52
N ILE A 139 -4.69 12.91 -4.58
CA ILE A 139 -5.42 12.28 -5.68
C ILE A 139 -4.95 12.90 -6.99
N SER A 140 -5.40 12.30 -8.09
CA SER A 140 -5.13 12.82 -9.43
C SER A 140 -3.65 13.07 -9.65
N GLU A 141 -2.83 12.08 -9.29
CA GLU A 141 -1.39 12.16 -9.48
C GLU A 141 -0.79 13.39 -8.81
N GLY A 142 -1.23 13.65 -7.58
CA GLY A 142 -0.77 14.80 -6.82
C GLY A 142 -1.39 16.13 -7.18
N GLN A 143 -2.33 16.17 -8.13
CA GLN A 143 -2.98 17.41 -8.51
C GLN A 143 -4.08 17.81 -7.54
N GLY A 144 -4.68 16.85 -6.84
CA GLY A 144 -5.78 17.15 -5.96
C GLY A 144 -5.49 16.63 -4.55
N PHE A 145 -6.24 17.17 -3.61
CA PHE A 145 -6.19 16.73 -2.21
C PHE A 145 -7.62 16.62 -1.71
N MET A 146 -8.06 15.39 -1.44
CA MET A 146 -9.42 15.10 -1.00
C MET A 146 -9.45 14.98 0.53
N THR A 147 -10.28 15.80 1.20
CA THR A 147 -10.23 15.78 2.65
C THR A 147 -10.88 14.54 3.24
N ARG A 148 -10.33 14.12 4.38
CA ARG A 148 -10.84 12.98 5.11
C ARG A 148 -12.27 13.20 5.57
N GLU A 149 -12.57 14.40 6.08
CA GLU A 149 -13.92 14.60 6.63
C GLU A 149 -14.95 14.73 5.51
N PHE A 150 -14.57 15.29 4.35
CA PHE A 150 -15.50 15.28 3.22
C PHE A 150 -15.81 13.83 2.80
N LEU A 151 -14.78 12.99 2.67
CA LEU A 151 -15.01 11.58 2.36
C LEU A 151 -15.94 10.93 3.40
N LYS A 152 -15.68 11.19 4.68
CA LYS A 152 -16.49 10.58 5.74
C LYS A 152 -17.94 11.07 5.72
N SER A 153 -18.19 12.26 5.16
CA SER A 153 -19.53 12.86 5.18
C SER A 153 -20.46 12.27 4.14
N LEU A 154 -19.94 11.45 3.22
CA LEU A 154 -20.77 11.01 2.11
C LEU A 154 -21.75 9.93 2.56
N ARG A 155 -22.81 9.78 1.78
CA ARG A 155 -23.90 8.88 2.12
C ARG A 155 -23.39 7.44 2.21
N LYS A 156 -24.07 6.64 3.02
CA LYS A 156 -23.75 5.22 3.10
C LYS A 156 -23.97 4.56 1.74
N PRO A 157 -23.16 3.56 1.39
CA PRO A 157 -22.05 3.03 2.20
C PRO A 157 -20.73 3.79 1.98
N PHE A 158 -20.73 4.79 1.10
CA PHE A 158 -19.48 5.41 0.64
C PHE A 158 -18.73 6.11 1.78
N GLY A 159 -19.45 6.79 2.68
CA GLY A 159 -18.82 7.49 3.79
C GLY A 159 -17.94 6.63 4.68
N ASP A 160 -18.15 5.32 4.70
CA ASP A 160 -17.36 4.41 5.53
C ASP A 160 -16.20 3.77 4.80
N PHE A 161 -16.04 4.02 3.49
CA PHE A 161 -15.01 3.33 2.71
C PHE A 161 -13.61 3.61 3.24
N MET A 162 -13.27 4.88 3.42
CA MET A 162 -11.86 5.25 3.59
C MET A 162 -11.44 5.49 5.04
N GLU A 163 -12.37 5.82 5.94
CA GLU A 163 -11.98 6.22 7.30
C GLU A 163 -11.09 5.21 8.02
N PRO A 164 -11.28 3.89 7.93
CA PRO A 164 -10.35 3.00 8.62
C PRO A 164 -8.95 3.03 8.02
N LYS A 165 -8.83 3.38 6.74
CA LYS A 165 -7.50 3.51 6.16
C LYS A 165 -6.79 4.78 6.64
N PHE A 166 -7.54 5.87 6.85
CA PHE A 166 -6.96 7.04 7.49
C PHE A 166 -6.53 6.73 8.92
N GLU A 167 -7.36 6.01 9.66
CA GLU A 167 -7.01 5.64 11.02
C GLU A 167 -5.70 4.87 11.05
N PHE A 168 -5.55 3.91 10.12
CA PHE A 168 -4.29 3.18 9.98
C PHE A 168 -3.15 4.09 9.56
N ALA A 169 -3.38 4.95 8.56
CA ALA A 169 -2.27 5.72 8.01
C ALA A 169 -1.70 6.70 9.02
N VAL A 170 -2.56 7.34 9.82
CA VAL A 170 -2.04 8.33 10.76
C VAL A 170 -1.09 7.66 11.75
N LYS A 171 -1.49 6.52 12.29
CA LYS A 171 -0.63 5.80 13.22
C LYS A 171 0.60 5.23 12.53
N PHE A 172 0.45 4.69 11.33
CA PHE A 172 1.60 4.18 10.58
C PHE A 172 2.59 5.30 10.29
N ASN A 173 2.11 6.47 9.87
CA ASN A 173 2.99 7.57 9.54
C ASN A 173 3.71 8.13 10.76
N ALA A 174 3.12 7.97 11.94
CA ALA A 174 3.77 8.42 13.17
C ALA A 174 5.03 7.63 13.50
N LEU A 175 5.18 6.43 12.92
CA LEU A 175 6.44 5.70 13.05
C LEU A 175 7.58 6.38 12.29
N GLU A 176 7.26 7.30 11.38
CA GLU A 176 8.27 8.09 10.65
C GLU A 176 9.23 7.20 9.88
N LEU A 177 8.70 6.16 9.23
CA LEU A 177 9.55 5.36 8.38
C LEU A 177 9.94 6.15 7.14
N ASP A 178 11.14 5.90 6.63
CA ASP A 178 11.56 6.43 5.34
C ASP A 178 11.57 5.31 4.30
N ASP A 179 11.92 5.69 3.06
CA ASP A 179 11.90 4.74 1.95
C ASP A 179 12.89 3.59 2.15
N SER A 180 14.04 3.86 2.79
CA SER A 180 14.99 2.82 3.13
C SER A 180 14.36 1.77 4.06
N ASP A 181 13.62 2.23 5.07
CA ASP A 181 12.89 1.29 5.93
C ASP A 181 11.81 0.55 5.13
N LEU A 182 10.98 1.31 4.40
CA LEU A 182 9.86 0.73 3.65
C LEU A 182 10.30 -0.33 2.66
N ALA A 183 11.47 -0.17 2.05
CA ALA A 183 11.96 -1.19 1.12
C ALA A 183 12.06 -2.57 1.80
N ILE A 184 12.59 -2.62 3.02
CA ILE A 184 12.70 -3.93 3.68
C ILE A 184 11.35 -4.40 4.20
N PHE A 185 10.56 -3.48 4.74
CA PHE A 185 9.25 -3.82 5.29
C PHE A 185 8.36 -4.43 4.22
N ILE A 186 8.38 -3.87 3.01
CA ILE A 186 7.56 -4.41 1.94
C ILE A 186 8.06 -5.79 1.54
N ALA A 187 9.39 -5.99 1.52
CA ALA A 187 9.93 -7.32 1.22
C ALA A 187 9.49 -8.34 2.26
N VAL A 188 9.44 -7.94 3.53
CA VAL A 188 8.98 -8.85 4.58
C VAL A 188 7.52 -9.23 4.37
N ILE A 189 6.69 -8.25 3.93
CA ILE A 189 5.27 -8.53 3.66
C ILE A 189 5.14 -9.59 2.57
N ILE A 190 5.90 -9.44 1.48
CA ILE A 190 5.79 -10.35 0.35
C ILE A 190 6.14 -11.78 0.76
N LEU A 191 7.16 -11.95 1.60
CA LEU A 191 7.64 -13.29 1.94
C LEU A 191 6.92 -13.84 3.17
N SER A 192 5.60 -13.67 3.21
CA SER A 192 4.77 -14.14 4.32
C SER A 192 4.48 -15.63 4.12
N GLY A 193 5.01 -16.46 5.02
CA GLY A 193 4.82 -17.89 4.93
C GLY A 193 3.46 -18.41 5.36
N ASP A 194 2.58 -17.54 5.84
CA ASP A 194 1.26 -17.98 6.31
C ASP A 194 0.14 -17.71 5.31
N ARG A 195 0.46 -17.46 4.04
CA ARG A 195 -0.61 -17.24 3.07
C ARG A 195 -1.35 -18.55 2.80
N PRO A 196 -2.66 -18.49 2.58
CA PRO A 196 -3.39 -19.71 2.19
C PRO A 196 -2.89 -20.26 0.87
N GLY A 197 -2.79 -21.59 0.80
CA GLY A 197 -2.46 -22.26 -0.44
C GLY A 197 -1.00 -22.34 -0.80
N LEU A 198 -0.09 -21.94 0.11
CA LEU A 198 1.34 -22.09 -0.15
C LEU A 198 1.77 -23.55 -0.09
N LEU A 199 2.56 -23.98 -1.08
CA LEU A 199 3.00 -25.36 -1.19
C LEU A 199 4.22 -25.67 -0.33
N ASN A 200 5.30 -24.88 -0.46
CA ASN A 200 6.54 -25.12 0.28
C ASN A 200 6.78 -23.89 1.15
N VAL A 201 6.43 -23.98 2.43
CA VAL A 201 6.52 -22.83 3.34
C VAL A 201 7.95 -22.58 3.80
N LYS A 202 8.76 -23.63 3.98
CA LYS A 202 10.09 -23.46 4.56
C LYS A 202 11.01 -22.55 3.73
N PRO A 203 11.16 -22.72 2.41
CA PRO A 203 12.06 -21.80 1.69
C PRO A 203 11.58 -20.36 1.70
N ILE A 204 10.28 -20.13 1.86
CA ILE A 204 9.76 -18.76 2.03
C ILE A 204 10.18 -18.21 3.39
N GLU A 205 9.99 -19.02 4.44
CA GLU A 205 10.37 -18.64 5.79
C GLU A 205 11.87 -18.40 5.91
N ASP A 206 12.67 -19.18 5.20
CA ASP A 206 14.10 -18.97 5.21
C ASP A 206 14.46 -17.59 4.68
N ILE A 207 13.81 -17.18 3.59
CA ILE A 207 14.04 -15.85 3.04
C ILE A 207 13.51 -14.79 4.01
N GLN A 208 12.29 -14.97 4.48
CA GLN A 208 11.72 -13.93 5.35
C GLN A 208 12.55 -13.76 6.61
N ASP A 209 13.12 -14.84 7.14
CA ASP A 209 13.91 -14.72 8.36
C ASP A 209 15.15 -13.88 8.08
N ASN A 210 15.74 -14.00 6.89
CA ASN A 210 16.89 -13.17 6.54
C ASN A 210 16.47 -11.71 6.36
N LEU A 211 15.32 -11.49 5.73
CA LEU A 211 14.79 -10.14 5.60
C LEU A 211 14.47 -9.54 6.95
N LEU A 212 13.92 -10.36 7.86
CA LEU A 212 13.62 -9.87 9.20
C LEU A 212 14.88 -9.46 9.93
N GLN A 213 15.95 -10.25 9.81
CA GLN A 213 17.23 -9.84 10.39
C GLN A 213 17.70 -8.52 9.82
N ALA A 214 17.57 -8.35 8.50
CA ALA A 214 17.96 -7.09 7.86
C ALA A 214 17.10 -5.93 8.32
N LEU A 215 15.81 -6.18 8.53
CA LEU A 215 14.92 -5.12 9.02
C LEU A 215 15.26 -4.74 10.46
N GLU A 216 15.49 -5.72 11.32
CA GLU A 216 15.90 -5.48 12.70
C GLU A 216 17.09 -4.54 12.79
N LEU A 217 18.13 -4.83 12.00
CA LEU A 217 19.35 -4.04 12.02
C LEU A 217 19.10 -2.65 11.46
N GLN A 218 18.32 -2.56 10.37
CA GLN A 218 18.03 -1.29 9.75
C GLN A 218 17.33 -0.33 10.72
N LEU A 219 16.40 -0.86 11.51
CA LEU A 219 15.64 -0.01 12.44
C LEU A 219 16.48 0.43 13.63
N LYS A 220 17.40 -0.42 14.09
CA LYS A 220 18.34 0.01 15.13
C LYS A 220 19.24 1.12 14.63
N LEU A 221 19.76 0.99 13.40
CA LEU A 221 20.66 2.03 12.91
C LEU A 221 19.94 3.34 12.61
N ASN A 222 18.68 3.26 12.16
CA ASN A 222 17.98 4.41 11.59
C ASN A 222 17.00 5.06 12.56
N HIS A 223 16.65 4.41 13.67
CA HIS A 223 15.61 4.90 14.56
C HIS A 223 16.05 4.73 16.01
N PRO A 224 17.01 5.56 16.44
CA PRO A 224 17.45 5.49 17.86
C PRO A 224 16.36 5.84 18.83
N GLU A 225 15.36 6.60 18.38
CA GLU A 225 14.29 7.11 19.22
C GLU A 225 13.26 6.06 19.61
N SER A 226 13.19 4.93 18.91
CA SER A 226 12.02 4.05 18.96
C SER A 226 12.42 2.67 19.46
N SER A 227 12.34 2.48 20.78
CA SER A 227 12.37 1.13 21.31
C SER A 227 11.10 0.39 20.89
N GLN A 228 11.29 -0.88 20.53
CA GLN A 228 10.22 -1.77 20.07
C GLN A 228 9.62 -1.37 18.73
N LEU A 229 10.33 -0.53 17.95
CA LEU A 229 9.86 -0.18 16.60
C LEU A 229 9.68 -1.41 15.72
N PHE A 230 10.62 -2.36 15.82
CA PHE A 230 10.52 -3.64 15.10
C PHE A 230 9.20 -4.35 15.40
N ALA A 231 8.89 -4.53 16.70
CA ALA A 231 7.61 -5.13 17.06
C ALA A 231 6.42 -4.31 16.57
N LYS A 232 6.50 -2.98 16.71
CA LYS A 232 5.39 -2.12 16.34
C LYS A 232 5.12 -2.21 14.84
N LEU A 233 6.18 -2.30 14.05
CA LEU A 233 6.03 -2.44 12.60
C LEU A 233 5.48 -3.81 12.24
N LEU A 234 5.88 -4.87 12.95
CA LEU A 234 5.28 -6.17 12.73
C LEU A 234 3.79 -6.16 13.09
N GLN A 235 3.40 -5.40 14.11
CA GLN A 235 1.99 -5.28 14.44
C GLN A 235 1.20 -4.62 13.31
N LYS A 236 1.84 -3.71 12.56
CA LYS A 236 1.15 -3.05 11.46
C LYS A 236 0.79 -4.03 10.35
N MET A 237 1.55 -5.11 10.19
CA MET A 237 1.20 -6.09 9.18
C MET A 237 -0.14 -6.72 9.53
N THR A 238 -0.43 -6.75 10.84
CA THR A 238 -1.73 -7.27 11.35
C THR A 238 -2.84 -6.30 10.95
N ASP A 239 -2.59 -4.98 11.09
CA ASP A 239 -3.59 -3.99 10.70
C ASP A 239 -3.82 -3.95 9.19
N LEU A 240 -2.77 -4.22 8.40
CA LEU A 240 -2.93 -4.22 6.95
C LEU A 240 -3.85 -5.35 6.51
N ARG A 241 -3.62 -6.56 7.04
CA ARG A 241 -4.48 -7.69 6.71
C ARG A 241 -5.92 -7.43 7.08
N GLN A 242 -6.16 -6.78 8.21
CA GLN A 242 -7.52 -6.51 8.64
C GLN A 242 -8.20 -5.54 7.69
N ILE A 243 -7.47 -4.53 7.21
CA ILE A 243 -8.04 -3.62 6.22
C ILE A 243 -8.47 -4.39 4.98
N VAL A 244 -7.64 -5.34 4.53
CA VAL A 244 -7.98 -6.12 3.35
C VAL A 244 -9.23 -6.96 3.60
N THR A 245 -9.30 -7.65 4.76
CA THR A 245 -10.45 -8.52 4.99
C THR A 245 -11.72 -7.71 5.25
N GLU A 246 -11.59 -6.44 5.66
CA GLU A 246 -12.76 -5.56 5.79
C GLU A 246 -13.43 -5.28 4.45
N HIS A 247 -12.71 -5.48 3.33
CA HIS A 247 -13.30 -5.27 2.02
C HIS A 247 -14.39 -6.31 1.73
N VAL A 248 -14.22 -7.53 2.24
CA VAL A 248 -15.27 -8.54 2.09
C VAL A 248 -16.55 -8.06 2.77
N GLN A 249 -16.42 -7.54 4.00
CA GLN A 249 -17.59 -7.03 4.70
C GLN A 249 -18.19 -5.83 3.98
N LEU A 250 -17.35 -5.00 3.37
CA LEU A 250 -17.86 -3.85 2.64
C LEU A 250 -18.71 -4.30 1.46
N LEU A 251 -18.30 -5.37 0.77
CA LEU A 251 -19.09 -5.90 -0.33
C LEU A 251 -20.44 -6.41 0.13
N GLN A 252 -20.49 -7.00 1.33
CA GLN A 252 -21.77 -7.47 1.87
C GLN A 252 -22.66 -6.29 2.24
N VAL A 253 -22.07 -5.22 2.79
CA VAL A 253 -22.85 -4.03 3.12
C VAL A 253 -23.45 -3.42 1.87
N ILE A 254 -22.74 -3.51 0.75
CA ILE A 254 -23.25 -2.94 -0.51
C ILE A 254 -24.41 -3.76 -1.04
N LYS A 255 -24.27 -5.09 -1.02
CA LYS A 255 -25.38 -5.97 -1.41
C LYS A 255 -26.62 -5.73 -0.56
N LYS A 256 -26.45 -5.61 0.75
CA LYS A 256 -27.60 -5.44 1.64
C LYS A 256 -28.27 -4.08 1.47
N THR A 257 -27.50 -3.07 1.08
CA THR A 257 -27.94 -1.67 1.16
C THR A 257 -29.23 -1.43 0.38
N GLU A 258 -30.27 -1.03 1.10
CA GLU A 258 -31.59 -0.78 0.54
C GLU A 258 -31.91 0.71 0.56
N THR A 259 -30.91 1.55 0.27
CA THR A 259 -31.07 2.99 0.20
C THR A 259 -30.37 3.48 -1.07
N ASP A 260 -30.59 4.76 -1.38
CA ASP A 260 -30.04 5.33 -2.61
C ASP A 260 -28.52 5.37 -2.56
N MET A 261 -27.89 4.73 -3.55
CA MET A 261 -26.43 4.69 -3.65
C MET A 261 -25.91 5.42 -4.88
N SER A 262 -26.65 6.45 -5.33
CA SER A 262 -26.12 7.31 -6.37
C SER A 262 -24.98 8.17 -5.81
N LEU A 263 -24.03 8.51 -6.67
CA LEU A 263 -22.86 9.25 -6.26
C LEU A 263 -22.42 10.15 -7.42
N HIS A 264 -22.05 11.38 -7.07
CA HIS A 264 -21.59 12.34 -8.06
C HIS A 264 -20.48 11.71 -8.90
N PRO A 265 -20.54 11.86 -10.24
CA PRO A 265 -19.48 11.25 -11.08
C PRO A 265 -18.08 11.72 -10.75
N LEU A 266 -17.90 12.95 -10.27
CA LEU A 266 -16.55 13.36 -9.88
C LEU A 266 -16.09 12.62 -8.64
N LEU A 267 -17.01 12.32 -7.73
CA LEU A 267 -16.67 11.52 -6.55
C LEU A 267 -16.36 10.09 -6.94
N GLN A 268 -17.13 9.51 -7.87
CA GLN A 268 -16.78 8.19 -8.39
C GLN A 268 -15.36 8.19 -8.93
N GLU A 269 -14.98 9.27 -9.64
CA GLU A 269 -13.65 9.33 -10.22
C GLU A 269 -12.58 9.42 -9.13
N ILE A 270 -12.87 10.14 -8.05
CA ILE A 270 -11.92 10.27 -6.96
C ILE A 270 -11.74 8.92 -6.25
N TYR A 271 -12.84 8.19 -6.02
CA TYR A 271 -12.71 6.90 -5.35
C TYR A 271 -11.91 5.90 -6.20
N LYS A 272 -11.98 6.02 -7.53
CA LYS A 272 -11.23 5.10 -8.39
C LYS A 272 -9.73 5.33 -8.26
N ASP A 273 -9.32 6.48 -7.73
CA ASP A 273 -7.92 6.80 -7.44
C ASP A 273 -7.50 6.34 -6.05
N LEU A 274 -8.41 5.76 -5.27
CA LEU A 274 -8.12 5.32 -3.91
C LEU A 274 -8.04 3.79 -3.87
N TYR A 275 -8.24 3.20 -2.70
CA TYR A 275 -8.10 1.75 -2.57
C TYR A 275 -8.76 1.29 -1.30
N ASN B 5 -8.87 -13.26 -7.04
CA ASN B 5 -9.24 -12.79 -8.36
C ASN B 5 -8.40 -13.47 -9.45
N LEU B 6 -9.06 -14.22 -10.32
CA LEU B 6 -8.35 -14.84 -11.44
C LEU B 6 -7.74 -13.79 -12.37
N GLY B 7 -8.40 -12.65 -12.53
CA GLY B 7 -7.83 -11.57 -13.31
C GLY B 7 -6.55 -11.02 -12.68
N LEU B 8 -6.55 -10.87 -11.35
CA LEU B 8 -5.36 -10.39 -10.66
C LEU B 8 -4.22 -11.40 -10.78
N GLU B 9 -4.51 -12.69 -10.57
CA GLU B 9 -3.48 -13.71 -10.74
C GLU B 9 -2.91 -13.69 -12.15
N ASP B 10 -3.76 -13.37 -13.14
CA ASP B 10 -3.31 -13.28 -14.53
C ASP B 10 -2.28 -12.16 -14.70
N ILE B 11 -2.61 -10.97 -14.20
CA ILE B 11 -1.69 -9.84 -14.25
C ILE B 11 -0.36 -10.20 -13.59
N ILE B 12 -0.39 -10.89 -12.44
CA ILE B 12 0.84 -11.24 -11.74
C ILE B 12 1.63 -12.26 -12.53
N ARG B 13 0.97 -13.27 -13.08
CA ARG B 13 1.68 -14.32 -13.81
C ARG B 13 2.40 -13.74 -15.02
N LYS B 14 1.76 -12.79 -15.72
CA LYS B 14 2.40 -12.17 -16.88
C LYS B 14 3.52 -11.22 -16.45
N ALA B 15 3.33 -10.45 -15.39
CA ALA B 15 4.43 -9.60 -14.93
C ALA B 15 5.62 -10.43 -14.48
N LEU B 16 5.38 -11.68 -14.05
CA LEU B 16 6.47 -12.55 -13.65
C LEU B 16 7.23 -13.14 -14.84
N MET B 17 6.65 -13.07 -16.02
CA MET B 17 7.36 -13.50 -17.23
C MET B 17 8.45 -12.49 -17.56
#